data_4AUV
#
_entry.id   4AUV
#
_cell.length_a   42.636
_cell.length_b   191.274
_cell.length_c   71.940
_cell.angle_alpha   90.00
_cell.angle_beta   90.00
_cell.angle_gamma   90.00
#
_symmetry.space_group_name_H-M   'C 2 2 21'
#
loop_
_entity.id
_entity.type
_entity.pdbx_description
1 polymer 'BREAST CANCER METASTASIS SUPPRESSOR 1'
2 non-polymer 'CHLORIDE ION'
3 non-polymer 'SULFATE ION'
4 non-polymer 'ACETIC ACID'
5 water water
#
_entity_poly.entity_id   1
_entity_poly.type   'polypeptide(L)'
_entity_poly.pdbx_seq_one_letter_code
;SEDYERRRSECVSEMLDLEKQFSELKEKLFRERLS
;
_entity_poly.pdbx_strand_id   A,B,C,D,E,F,G,H
#
loop_
_chem_comp.id
_chem_comp.type
_chem_comp.name
_chem_comp.formula
ACY non-polymer 'ACETIC ACID' 'C2 H4 O2'
CL non-polymer 'CHLORIDE ION' 'Cl -1'
SO4 non-polymer 'SULFATE ION' 'O4 S -2'
#
# COMPACT_ATOMS: atom_id res chain seq x y z
N SER A 1 -8.27 -8.63 5.15
CA SER A 1 -6.82 -8.41 5.39
C SER A 1 -6.09 -8.59 4.07
N GLU A 2 -4.85 -8.12 4.00
CA GLU A 2 -4.05 -8.21 2.78
C GLU A 2 -2.66 -8.55 3.23
N ASP A 3 -2.11 -9.60 2.63
CA ASP A 3 -0.72 -9.96 2.87
C ASP A 3 0.15 -9.04 2.05
N TYR A 4 0.28 -7.80 2.53
CA TYR A 4 0.95 -6.75 1.71
C TYR A 4 2.34 -7.17 1.24
N GLU A 5 3.14 -7.74 2.12
CA GLU A 5 4.52 -8.17 1.78
C GLU A 5 4.58 -9.36 0.85
N ARG A 6 3.63 -10.28 0.99
CA ARG A 6 3.56 -11.37 0.00
C ARG A 6 3.30 -10.78 -1.33
N ARG A 7 2.28 -9.92 -1.43
CA ARG A 7 1.96 -9.28 -2.74
C ARG A 7 3.06 -8.44 -3.33
N ARG A 8 3.73 -7.69 -2.47
CA ARG A 8 4.88 -6.93 -2.88
C ARG A 8 5.97 -7.82 -3.46
N SER A 9 6.29 -8.91 -2.76
CA SER A 9 7.27 -9.86 -3.25
C SER A 9 6.91 -10.54 -4.58
N GLU A 10 5.67 -10.95 -4.77
CA GLU A 10 5.29 -11.47 -6.09
C GLU A 10 5.52 -10.44 -7.21
N CYS A 11 5.22 -9.16 -6.93
CA CYS A 11 5.42 -8.13 -7.97
C CYS A 11 6.92 -7.94 -8.22
N VAL A 12 7.67 -7.83 -7.11
CA VAL A 12 9.13 -7.68 -7.22
C VAL A 12 9.75 -8.85 -8.01
N SER A 13 9.37 -10.07 -7.65
CA SER A 13 9.91 -11.23 -8.33
C SER A 13 9.65 -11.17 -9.83
N GLU A 14 8.49 -10.67 -10.28
CA GLU A 14 8.21 -10.58 -11.74
C GLU A 14 9.06 -9.56 -12.42
N MET A 15 9.26 -8.42 -11.75
CA MET A 15 10.13 -7.39 -12.26
C MET A 15 11.55 -7.89 -12.37
N LEU A 16 12.04 -8.55 -11.31
CA LEU A 16 13.35 -9.22 -11.38
C LEU A 16 13.44 -10.19 -12.56
N ASP A 17 12.36 -10.94 -12.78
CA ASP A 17 12.38 -11.89 -13.89
C ASP A 17 12.49 -11.18 -15.20
N LEU A 18 11.68 -10.14 -15.40
CA LEU A 18 11.70 -9.46 -16.72
C LEU A 18 13.08 -8.81 -16.90
N GLU A 19 13.61 -8.21 -15.84
CA GLU A 19 14.87 -7.52 -15.96
CA GLU A 19 14.88 -7.53 -15.91
C GLU A 19 16.01 -8.53 -16.24
N LYS A 20 15.92 -9.75 -15.68
CA LYS A 20 16.96 -10.78 -16.03
C LYS A 20 16.85 -11.23 -17.52
N GLN A 21 15.63 -11.29 -18.05
CA GLN A 21 15.49 -11.50 -19.53
C GLN A 21 16.16 -10.38 -20.35
N PHE A 22 15.92 -9.14 -19.96
CA PHE A 22 16.55 -8.02 -20.65
C PHE A 22 18.07 -8.17 -20.53
N SER A 23 18.56 -8.45 -19.33
CA SER A 23 20.00 -8.61 -19.13
C SER A 23 20.68 -9.71 -19.90
N GLU A 24 20.02 -10.86 -19.97
CA GLU A 24 20.51 -11.95 -20.75
C GLU A 24 20.65 -11.57 -22.23
N LEU A 25 19.69 -10.80 -22.76
CA LEU A 25 19.77 -10.36 -24.14
C LEU A 25 20.95 -9.40 -24.29
N LYS A 26 21.08 -8.44 -23.36
CA LYS A 26 22.20 -7.48 -23.42
CA LYS A 26 22.21 -7.50 -23.40
C LYS A 26 23.55 -8.24 -23.35
N GLU A 27 23.63 -9.29 -22.53
CA GLU A 27 24.90 -10.01 -22.43
C GLU A 27 25.21 -10.79 -23.71
N LYS A 28 24.19 -11.39 -24.32
CA LYS A 28 24.35 -12.05 -25.62
C LYS A 28 24.86 -11.04 -26.67
N LEU A 29 24.27 -9.85 -26.71
CA LEU A 29 24.62 -8.85 -27.71
C LEU A 29 26.05 -8.34 -27.50
N PHE A 30 26.41 -8.17 -26.24
CA PHE A 30 27.76 -7.74 -25.84
C PHE A 30 28.79 -8.79 -26.31
N ARG A 31 28.56 -10.06 -25.97
CA ARG A 31 29.53 -11.10 -26.33
CA ARG A 31 29.46 -11.15 -26.32
C ARG A 31 29.64 -11.20 -27.85
N GLU A 32 28.50 -11.16 -28.55
CA GLU A 32 28.50 -11.24 -30.04
C GLU A 32 29.19 -10.06 -30.70
N ARG A 33 29.08 -8.88 -30.09
CA ARG A 33 29.68 -7.71 -30.66
CA ARG A 33 29.69 -7.70 -30.67
C ARG A 33 31.21 -7.71 -30.47
N LEU A 34 31.66 -8.30 -29.36
CA LEU A 34 33.12 -8.35 -29.10
C LEU A 34 33.83 -9.55 -29.70
N SER A 35 33.11 -10.62 -29.96
CA SER A 35 33.78 -11.86 -30.29
C SER A 35 34.34 -11.80 -31.71
N SER B 9 1.70 -5.19 -32.62
CA SER B 9 2.84 -4.67 -31.81
C SER B 9 3.08 -5.47 -30.50
N GLU B 10 4.35 -5.70 -30.23
CA GLU B 10 4.75 -6.39 -29.02
C GLU B 10 5.44 -5.39 -28.11
N CYS B 11 4.94 -4.13 -28.16
CA CYS B 11 5.21 -3.06 -27.17
C CYS B 11 6.62 -2.45 -27.17
N VAL B 12 7.26 -2.44 -28.33
CA VAL B 12 8.69 -2.27 -28.31
C VAL B 12 9.14 -0.95 -27.65
N SER B 13 8.55 0.20 -28.02
CA SER B 13 9.14 1.47 -27.53
C SER B 13 8.94 1.53 -26.01
N GLU B 14 7.78 1.07 -25.57
CA GLU B 14 7.51 1.06 -24.12
CA GLU B 14 7.46 1.06 -24.14
C GLU B 14 8.41 0.12 -23.31
N MET B 15 8.80 -1.02 -23.91
CA MET B 15 9.73 -2.00 -23.31
C MET B 15 11.09 -1.32 -23.18
N LEU B 16 11.45 -0.49 -24.18
CA LEU B 16 12.73 0.22 -24.12
C LEU B 16 12.75 1.25 -22.99
N ASP B 17 11.65 2.03 -22.85
CA ASP B 17 11.45 3.03 -21.77
CA ASP B 17 11.52 2.99 -21.77
C ASP B 17 11.73 2.32 -20.39
N LEU B 18 11.08 1.21 -20.17
CA LEU B 18 11.21 0.50 -18.89
C LEU B 18 12.63 -0.05 -18.65
N GLU B 19 13.24 -0.64 -19.67
CA GLU B 19 14.57 -1.20 -19.52
CA GLU B 19 14.60 -1.18 -19.54
C GLU B 19 15.55 -0.05 -19.21
N LYS B 20 15.31 1.08 -19.83
CA LYS B 20 16.11 2.24 -19.53
C LYS B 20 16.06 2.64 -18.05
N GLN B 21 14.84 2.67 -17.46
CA GLN B 21 14.72 2.93 -15.99
C GLN B 21 15.49 1.90 -15.15
N PHE B 22 15.40 0.63 -15.52
CA PHE B 22 16.10 -0.43 -14.76
C PHE B 22 17.61 -0.23 -14.85
N SER B 23 18.11 0.04 -16.06
CA SER B 23 19.55 0.17 -16.29
C SER B 23 20.07 1.43 -15.54
N GLU B 24 19.30 2.52 -15.59
CA GLU B 24 19.70 3.74 -14.90
C GLU B 24 19.84 3.50 -13.39
N LEU B 25 18.86 2.80 -12.79
CA LEU B 25 18.97 2.42 -11.35
C LEU B 25 20.24 1.54 -11.04
N LYS B 26 20.45 0.50 -11.83
CA LYS B 26 21.63 -0.36 -11.69
C LYS B 26 22.96 0.45 -11.78
N GLU B 27 23.07 1.32 -12.79
CA GLU B 27 24.26 2.20 -12.88
C GLU B 27 24.43 3.07 -11.61
N LYS B 28 23.35 3.68 -11.12
CA LYS B 28 23.39 4.53 -9.89
C LYS B 28 23.81 3.69 -8.66
N LEU B 29 23.12 2.57 -8.42
CA LEU B 29 23.53 1.62 -7.37
C LEU B 29 25.00 1.21 -7.39
N PHE B 30 25.51 0.84 -8.59
CA PHE B 30 26.91 0.42 -8.74
C PHE B 30 27.83 1.57 -8.33
N ARG B 31 27.55 2.74 -8.87
CA ARG B 31 28.42 3.91 -8.70
C ARG B 31 28.46 4.21 -7.21
N GLU B 32 27.29 4.20 -6.56
CA GLU B 32 27.16 4.48 -5.14
C GLU B 32 27.84 3.46 -4.24
N ARG B 33 27.66 2.17 -4.50
CA ARG B 33 28.27 1.13 -3.67
C ARG B 33 29.78 1.19 -3.72
N LEU B 34 30.29 1.86 -4.76
CA LEU B 34 31.71 1.86 -5.04
C LEU B 34 32.39 3.19 -4.78
N SER B 35 31.65 4.29 -4.89
CA SER B 35 32.21 5.63 -4.81
C SER B 35 32.36 6.04 -3.35
N SER C 1 -1.86 0.03 -10.31
CA SER C 1 -0.69 -0.48 -9.57
C SER C 1 -1.04 -0.35 -8.07
N GLU C 2 -0.18 -0.86 -7.20
CA GLU C 2 -0.40 -0.73 -5.74
C GLU C 2 0.85 -0.28 -4.96
N ASP C 3 0.65 0.71 -4.08
CA ASP C 3 1.75 1.17 -3.26
C ASP C 3 1.73 0.29 -2.00
N TYR C 4 2.36 -0.87 -2.14
CA TYR C 4 2.27 -1.88 -1.11
C TYR C 4 2.75 -1.34 0.21
N GLU C 5 3.85 -0.56 0.18
CA GLU C 5 4.49 -0.24 1.44
C GLU C 5 3.73 0.85 2.18
N ARG C 6 3.12 1.76 1.42
CA ARG C 6 2.25 2.77 1.99
C ARG C 6 1.01 2.15 2.64
N ARG C 7 0.36 1.24 1.94
CA ARG C 7 -0.77 0.60 2.48
C ARG C 7 -0.39 -0.23 3.71
N ARG C 8 0.71 -0.94 3.60
CA ARG C 8 1.11 -1.73 4.75
C ARG C 8 1.37 -0.84 5.97
N SER C 9 2.06 0.28 5.77
CA SER C 9 2.43 1.12 6.91
CA SER C 9 2.44 1.13 6.91
C SER C 9 1.20 1.73 7.57
N GLU C 10 0.14 2.00 6.80
CA GLU C 10 -1.10 2.53 7.40
C GLU C 10 -1.77 1.47 8.27
N CYS C 11 -1.82 0.24 7.79
CA CYS C 11 -2.30 -0.86 8.63
C CYS C 11 -1.45 -1.05 9.91
N VAL C 12 -0.13 -1.04 9.75
CA VAL C 12 0.74 -1.21 10.94
C VAL C 12 0.49 -0.06 11.94
N SER C 13 0.39 1.15 11.40
CA SER C 13 0.25 2.31 12.26
C SER C 13 -1.05 2.19 13.11
N GLU C 14 -2.15 1.74 12.49
CA GLU C 14 -3.37 1.51 13.31
C GLU C 14 -3.17 0.38 14.26
N MET C 15 -2.49 -0.70 13.87
CA MET C 15 -2.24 -1.69 14.90
C MET C 15 -1.45 -1.18 16.07
N LEU C 16 -0.44 -0.33 15.82
CA LEU C 16 0.43 0.10 16.90
C LEU C 16 -0.41 1.03 17.79
N ASP C 17 -1.31 1.77 17.17
CA ASP C 17 -2.09 2.72 17.96
C ASP C 17 -3.11 1.97 18.90
N LEU C 18 -3.75 0.93 18.39
CA LEU C 18 -4.72 0.18 19.26
C LEU C 18 -3.94 -0.49 20.36
N GLU C 19 -2.78 -1.05 20.01
CA GLU C 19 -1.98 -1.77 21.02
CA GLU C 19 -1.95 -1.75 21.00
C GLU C 19 -1.48 -0.75 22.03
N LYS C 20 -1.15 0.47 21.62
CA LYS C 20 -0.79 1.46 22.64
C LYS C 20 -1.96 1.71 23.62
N GLN C 21 -3.19 1.69 23.13
CA GLN C 21 -4.40 2.00 23.98
C GLN C 21 -4.57 0.82 24.97
N PHE C 22 -4.38 -0.41 24.47
CA PHE C 22 -4.53 -1.60 25.33
C PHE C 22 -3.50 -1.57 26.40
N SER C 23 -2.29 -1.30 26.00
CA SER C 23 -1.18 -1.31 26.93
C SER C 23 -1.24 -0.19 28.00
N GLU C 24 -1.70 1.03 27.62
CA GLU C 24 -1.85 2.09 28.60
C GLU C 24 -2.90 1.69 29.64
N LEU C 25 -3.99 1.01 29.22
CA LEU C 25 -5.04 0.59 30.17
C LEU C 25 -4.48 -0.50 31.10
N LYS C 26 -3.67 -1.41 30.55
CA LYS C 26 -3.10 -2.50 31.41
C LYS C 26 -2.14 -1.95 32.43
N GLU C 27 -1.34 -0.94 32.05
CA GLU C 27 -0.45 -0.28 33.01
C GLU C 27 -1.23 0.40 34.11
N LYS C 28 -2.35 1.02 33.75
CA LYS C 28 -3.17 1.78 34.70
C LYS C 28 -3.81 0.84 35.72
N LEU C 29 -4.44 -0.23 35.23
CA LEU C 29 -5.01 -1.27 36.08
C LEU C 29 -4.02 -1.86 37.03
N PHE C 30 -2.85 -2.18 36.50
CA PHE C 30 -1.76 -2.80 37.26
C PHE C 30 -1.34 -1.89 38.41
N ARG C 31 -1.06 -0.62 38.09
CA ARG C 31 -0.75 0.44 39.09
CA ARG C 31 -0.67 0.28 39.15
C ARG C 31 -1.84 0.57 40.17
N GLU C 32 -3.06 0.69 39.70
CA GLU C 32 -4.21 0.89 40.58
C GLU C 32 -4.42 -0.30 41.45
N ARG C 33 -4.33 -1.48 40.91
CA ARG C 33 -4.47 -2.63 41.80
C ARG C 33 -3.33 -2.74 42.80
N LEU C 34 -2.07 -2.56 42.40
CA LEU C 34 -0.97 -2.85 43.38
C LEU C 34 -0.70 -1.75 44.42
N SER C 35 -1.06 -0.52 44.10
CA SER C 35 -0.63 0.58 44.92
C SER C 35 -1.85 1.25 45.51
N SER D 9 -2.65 -10.46 -8.83
CA SER D 9 -2.05 -9.10 -8.78
C SER D 9 -2.07 -8.39 -10.15
N GLU D 10 -2.46 -7.11 -10.16
CA GLU D 10 -2.33 -6.32 -11.39
C GLU D 10 -0.84 -6.21 -11.82
N CYS D 11 0.07 -5.94 -10.87
CA CYS D 11 1.47 -5.84 -11.18
C CYS D 11 1.93 -7.14 -11.83
N VAL D 12 1.59 -8.27 -11.21
CA VAL D 12 2.01 -9.54 -11.78
C VAL D 12 1.38 -9.86 -13.16
N SER D 13 0.08 -9.66 -13.36
CA SER D 13 -0.49 -10.05 -14.67
C SER D 13 0.10 -9.20 -15.82
N GLU D 14 0.27 -7.91 -15.57
CA GLU D 14 0.87 -6.99 -16.54
C GLU D 14 2.32 -7.38 -16.82
N MET D 15 3.07 -7.76 -15.78
CA MET D 15 4.43 -8.18 -16.02
C MET D 15 4.45 -9.46 -16.83
N LEU D 16 3.55 -10.41 -16.52
CA LEU D 16 3.54 -11.57 -17.33
C LEU D 16 3.25 -11.21 -18.82
N ASP D 17 2.34 -10.27 -19.06
CA ASP D 17 2.06 -9.83 -20.47
C ASP D 17 3.31 -9.30 -21.13
N LEU D 18 4.01 -8.43 -20.40
CA LEU D 18 5.27 -7.86 -20.86
C LEU D 18 6.33 -8.95 -21.13
N GLU D 19 6.49 -9.89 -20.20
CA GLU D 19 7.38 -11.02 -20.46
C GLU D 19 7.02 -11.80 -21.74
N LYS D 20 5.73 -12.09 -21.93
CA LYS D 20 5.30 -12.72 -23.17
C LYS D 20 5.65 -11.89 -24.45
N GLN D 21 5.44 -10.56 -24.40
CA GLN D 21 5.69 -9.74 -25.57
C GLN D 21 7.18 -9.69 -25.78
N PHE D 22 7.98 -9.66 -24.71
CA PHE D 22 9.44 -9.65 -24.92
C PHE D 22 9.90 -10.96 -25.55
N SER D 23 9.30 -12.06 -25.12
CA SER D 23 9.59 -13.35 -25.76
C SER D 23 9.24 -13.40 -27.23
N GLU D 24 8.14 -12.77 -27.58
CA GLU D 24 7.66 -12.84 -28.95
C GLU D 24 8.54 -11.98 -29.81
N LEU D 25 8.97 -10.85 -29.26
CA LEU D 25 9.90 -9.96 -29.94
C LEU D 25 11.15 -10.70 -30.36
N LYS D 26 11.77 -11.41 -29.42
CA LYS D 26 13.02 -12.14 -29.68
C LYS D 26 13.09 -13.16 -30.86
N ARG E 8 -7.21 -2.28 -27.95
CA ARG E 8 -6.05 -2.10 -28.86
C ARG E 8 -4.69 -2.01 -28.11
N SER E 9 -4.68 -1.29 -26.98
CA SER E 9 -3.48 -0.57 -26.50
C SER E 9 -3.11 -0.66 -25.04
N GLU E 10 -3.08 -1.91 -24.53
CA GLU E 10 -2.45 -2.20 -23.27
C GLU E 10 -0.98 -1.75 -23.26
N CYS E 11 -0.33 -1.60 -24.43
CA CYS E 11 1.14 -1.59 -24.42
C CYS E 11 1.48 -0.42 -23.60
N VAL E 12 0.83 0.65 -24.07
CA VAL E 12 1.02 1.95 -23.51
C VAL E 12 0.49 1.94 -22.10
N SER E 13 -0.75 1.44 -21.92
CA SER E 13 -1.42 1.52 -20.61
C SER E 13 -0.66 0.71 -19.58
N GLU E 14 -0.34 -0.53 -19.94
CA GLU E 14 0.51 -1.38 -19.09
C GLU E 14 1.86 -0.81 -18.73
N MET E 15 2.61 -0.31 -19.73
CA MET E 15 3.90 0.37 -19.51
C MET E 15 3.71 1.42 -18.49
N LEU E 16 2.62 2.19 -18.60
CA LEU E 16 2.44 3.33 -17.71
C LEU E 16 2.19 2.80 -16.32
N ASP E 17 1.35 1.79 -16.23
CA ASP E 17 1.06 1.32 -14.89
C ASP E 17 2.33 0.73 -14.24
N LEU E 18 3.04 -0.07 -15.00
CA LEU E 18 4.26 -0.75 -14.47
C LEU E 18 5.36 0.23 -14.16
N GLU E 19 5.47 1.31 -14.95
CA GLU E 19 6.36 2.43 -14.64
CA GLU E 19 6.44 2.34 -14.57
C GLU E 19 6.01 2.99 -13.24
N LYS E 20 4.72 3.19 -13.03
CA LYS E 20 4.37 3.74 -11.72
C LYS E 20 4.67 2.71 -10.60
N GLN E 21 4.39 1.44 -10.87
CA GLN E 21 4.64 0.43 -9.84
C GLN E 21 6.17 0.34 -9.50
N PHE E 22 7.02 0.48 -10.53
CA PHE E 22 8.48 0.47 -10.36
C PHE E 22 8.94 1.62 -9.47
N SER E 23 8.41 2.83 -9.74
CA SER E 23 8.70 3.97 -8.88
C SER E 23 8.26 3.64 -7.45
N GLU E 24 7.06 3.08 -7.31
CA GLU E 24 6.55 2.72 -5.98
C GLU E 24 7.51 1.74 -5.28
N LEU E 25 7.96 0.73 -5.98
CA LEU E 25 8.85 -0.27 -5.36
C LEU E 25 10.21 0.25 -4.92
N LYS E 26 10.80 1.21 -5.64
CA LYS E 26 12.16 1.63 -5.29
C LYS E 26 12.16 2.87 -4.39
N GLU E 27 10.97 3.36 -4.01
CA GLU E 27 10.83 4.50 -3.07
C GLU E 27 11.30 4.15 -1.66
N LYS E 28 11.71 5.17 -0.91
CA LYS E 28 12.17 5.07 0.50
C LYS E 28 13.44 4.22 0.63
N GLU F 5 3.76 8.08 13.82
CA GLU F 5 3.29 7.45 15.11
C GLU F 5 2.33 8.41 15.83
N ARG F 6 2.81 9.63 16.10
CA ARG F 6 2.09 10.70 16.82
C ARG F 6 0.92 11.29 16.03
N ARG F 7 1.09 11.47 14.72
CA ARG F 7 0.00 11.99 13.91
C ARG F 7 -1.16 10.98 13.86
N ARG F 8 -0.82 9.70 13.71
CA ARG F 8 -1.83 8.64 13.72
C ARG F 8 -2.65 8.68 15.02
N SER F 9 -1.97 8.74 16.17
CA SER F 9 -2.74 8.73 17.41
C SER F 9 -3.64 9.96 17.65
N GLU F 10 -3.21 11.15 17.21
CA GLU F 10 -4.11 12.29 17.23
C GLU F 10 -5.26 12.11 16.23
N CYS F 11 -4.97 11.60 15.02
CA CYS F 11 -6.12 11.38 14.06
C CYS F 11 -7.16 10.54 14.76
N VAL F 12 -6.71 9.48 15.41
CA VAL F 12 -7.66 8.60 16.02
C VAL F 12 -8.36 9.22 17.24
N SER F 13 -7.61 9.85 18.16
CA SER F 13 -8.24 10.55 19.26
C SER F 13 -9.30 11.53 18.81
N GLU F 14 -8.94 12.37 17.83
CA GLU F 14 -9.87 13.34 17.29
C GLU F 14 -11.12 12.70 16.66
N MET F 15 -10.91 11.61 15.90
CA MET F 15 -12.06 10.86 15.36
C MET F 15 -12.97 10.30 16.44
N LEU F 16 -12.40 9.73 17.49
CA LEU F 16 -13.23 9.19 18.54
C LEU F 16 -14.00 10.29 19.29
N ASP F 17 -13.36 11.44 19.50
CA ASP F 17 -14.00 12.52 20.20
C ASP F 17 -15.19 12.99 19.31
N LEU F 18 -14.97 13.18 18.02
CA LEU F 18 -16.06 13.68 17.15
C LEU F 18 -17.19 12.66 16.98
N GLU F 19 -16.84 11.38 16.98
CA GLU F 19 -17.89 10.34 16.88
C GLU F 19 -18.70 10.26 18.15
N LYS F 20 -18.07 10.44 19.29
CA LYS F 20 -18.76 10.50 20.58
C LYS F 20 -19.63 11.81 20.59
N GLN F 21 -19.08 12.92 20.10
CA GLN F 21 -19.89 14.15 19.98
C GLN F 21 -21.14 13.90 19.08
N PHE F 22 -20.94 13.22 17.97
CA PHE F 22 -22.08 12.96 17.05
C PHE F 22 -23.13 12.02 17.72
N SER F 23 -22.68 10.95 18.38
CA SER F 23 -23.54 10.14 19.29
C SER F 23 -24.40 11.00 20.22
N GLU F 24 -23.75 11.92 20.92
CA GLU F 24 -24.43 12.86 21.81
C GLU F 24 -25.44 13.72 21.11
N LEU F 25 -25.14 14.24 19.91
CA LEU F 25 -26.03 15.16 19.27
C LEU F 25 -27.27 14.45 18.71
N LYS F 26 -27.10 13.18 18.30
CA LYS F 26 -28.21 12.43 17.70
C LYS F 26 -29.05 11.68 18.77
N GLU F 27 -28.58 11.62 20.02
CA GLU F 27 -29.30 11.00 21.18
C GLU F 27 -30.74 11.40 21.14
N SER G 9 -1.42 16.25 8.27
CA SER G 9 -1.13 14.78 8.30
C SER G 9 -2.10 13.94 7.43
N GLU G 10 -3.21 14.54 7.05
CA GLU G 10 -4.33 13.90 6.34
C GLU G 10 -4.82 12.62 7.06
N CYS G 11 -5.81 12.79 7.95
CA CYS G 11 -6.37 11.68 8.79
C CYS G 11 -7.48 11.03 7.91
N VAL G 12 -7.09 10.52 6.75
CA VAL G 12 -8.12 10.28 5.73
C VAL G 12 -9.01 9.19 6.20
N SER G 13 -8.40 8.12 6.71
CA SER G 13 -9.21 6.91 7.09
C SER G 13 -10.21 7.24 8.22
N GLU G 14 -9.76 8.06 9.13
CA GLU G 14 -10.63 8.50 10.26
C GLU G 14 -11.76 9.42 9.77
N MET G 15 -11.45 10.27 8.83
CA MET G 15 -12.48 11.04 8.21
C MET G 15 -13.53 10.19 7.48
N LEU G 16 -13.10 9.14 6.78
CA LEU G 16 -13.99 8.18 6.16
C LEU G 16 -14.87 7.47 7.21
N ASP G 17 -14.31 7.19 8.39
CA ASP G 17 -15.06 6.47 9.41
C ASP G 17 -16.13 7.39 10.03
N LEU G 18 -15.82 8.67 10.24
CA LEU G 18 -16.84 9.61 10.77
C LEU G 18 -17.97 9.81 9.72
N GLU G 19 -17.57 9.93 8.45
CA GLU G 19 -18.58 10.03 7.38
C GLU G 19 -19.43 8.79 7.33
N LYS G 20 -18.82 7.64 7.50
CA LYS G 20 -19.60 6.44 7.61
C LYS G 20 -20.66 6.46 8.71
N GLN G 21 -20.37 7.04 9.88
CA GLN G 21 -21.42 7.20 10.92
C GLN G 21 -22.56 8.15 10.43
N PHE G 22 -22.19 9.25 9.78
CA PHE G 22 -23.22 10.15 9.27
C PHE G 22 -24.14 9.37 8.31
N SER G 23 -23.50 8.61 7.42
CA SER G 23 -24.24 7.91 6.34
C SER G 23 -25.16 6.83 6.93
N GLU G 24 -24.70 6.16 7.98
CA GLU G 24 -25.54 5.15 8.66
C GLU G 24 -26.76 5.81 9.32
N LEU G 25 -26.58 6.98 9.94
CA LEU G 25 -27.77 7.66 10.46
C LEU G 25 -28.67 8.05 9.32
N LYS G 26 -28.14 8.58 8.22
CA LYS G 26 -29.02 8.97 7.10
C LYS G 26 -29.84 7.81 6.58
N GLU G 27 -29.20 6.69 6.44
CA GLU G 27 -29.96 5.56 5.90
CA GLU G 27 -29.90 5.50 5.93
C GLU G 27 -31.04 5.09 6.86
N LYS G 28 -30.75 5.13 8.16
CA LYS G 28 -31.72 4.75 9.20
C LYS G 28 -32.90 5.74 9.23
N LEU G 29 -32.61 7.05 9.13
CA LEU G 29 -33.70 8.06 9.05
C LEU G 29 -34.59 7.93 7.81
N PHE G 30 -33.95 7.65 6.70
CA PHE G 30 -34.63 7.43 5.41
C PHE G 30 -35.66 6.29 5.56
N ARG G 31 -35.20 5.15 6.09
CA ARG G 31 -36.02 3.99 6.25
C ARG G 31 -37.19 4.32 7.24
N GLU G 32 -36.89 5.03 8.33
CA GLU G 32 -37.91 5.37 9.36
C GLU G 32 -38.94 6.33 8.82
N ARG G 33 -38.54 7.25 7.95
CA ARG G 33 -39.45 8.24 7.44
C ARG G 33 -40.38 7.56 6.39
N LEU G 34 -39.90 6.56 5.67
CA LEU G 34 -40.75 5.99 4.60
C LEU G 34 -41.65 4.84 5.09
N SER G 35 -41.25 4.22 6.20
CA SER G 35 -41.77 2.91 6.55
C SER G 35 -43.14 3.03 7.16
N SER H 9 -8.60 -5.06 1.50
CA SER H 9 -7.94 -5.34 2.82
C SER H 9 -8.88 -5.11 4.01
N GLU H 10 -9.20 -3.83 4.28
CA GLU H 10 -10.05 -3.46 5.34
C GLU H 10 -9.26 -3.54 6.66
N CYS H 11 -7.92 -3.77 6.68
CA CYS H 11 -7.22 -3.72 7.98
C CYS H 11 -7.53 -2.39 8.74
N VAL H 12 -7.36 -1.25 8.06
CA VAL H 12 -7.51 0.03 8.77
C VAL H 12 -8.93 0.20 9.28
N SER H 13 -9.92 -0.09 8.42
CA SER H 13 -11.29 0.16 8.80
C SER H 13 -11.64 -0.75 10.01
N GLU H 14 -11.14 -2.01 9.97
CA GLU H 14 -11.48 -2.95 11.06
C GLU H 14 -10.79 -2.52 12.34
N MET H 15 -9.57 -2.06 12.22
CA MET H 15 -8.84 -1.51 13.42
C MET H 15 -9.60 -0.32 14.02
N LEU H 16 -10.11 0.59 13.16
CA LEU H 16 -10.87 1.70 13.64
C LEU H 16 -12.19 1.30 14.34
N ASP H 17 -12.77 0.20 13.88
CA ASP H 17 -13.94 -0.36 14.55
C ASP H 17 -13.56 -0.82 15.98
N LEU H 18 -12.44 -1.49 16.12
CA LEU H 18 -11.98 -1.89 17.47
C LEU H 18 -11.59 -0.68 18.33
N GLU H 19 -10.93 0.34 17.74
CA GLU H 19 -10.64 1.61 18.47
C GLU H 19 -11.93 2.14 19.10
N LYS H 20 -13.01 2.16 18.33
CA LYS H 20 -14.28 2.70 18.85
C LYS H 20 -14.88 1.75 19.88
N GLN H 21 -14.81 0.42 19.64
CA GLN H 21 -15.41 -0.49 20.61
C GLN H 21 -14.60 -0.36 21.94
N PHE H 22 -13.30 -0.33 21.83
CA PHE H 22 -12.48 -0.20 23.05
C PHE H 22 -12.74 1.12 23.78
N SER H 23 -12.81 2.23 23.04
CA SER H 23 -13.12 3.54 23.65
C SER H 23 -14.50 3.50 24.37
N GLU H 24 -15.50 2.94 23.72
CA GLU H 24 -16.85 2.90 24.32
C GLU H 24 -16.87 1.99 25.51
N LEU H 25 -16.16 0.87 25.40
CA LEU H 25 -15.97 0.03 26.60
C LEU H 25 -15.39 0.76 27.80
N LYS H 26 -14.21 1.41 27.65
CA LYS H 26 -13.64 2.18 28.76
C LYS H 26 -14.66 3.18 29.36
N GLU H 27 -15.35 3.95 28.49
CA GLU H 27 -16.41 4.90 28.90
C GLU H 27 -17.54 4.24 29.74
N LYS H 28 -18.13 3.15 29.20
CA LYS H 28 -19.23 2.39 29.83
C LYS H 28 -18.80 1.88 31.21
N LEU H 29 -17.53 1.48 31.31
CA LEU H 29 -16.89 1.05 32.57
C LEU H 29 -16.27 2.28 33.29
N PHE H 30 -17.11 3.27 33.58
CA PHE H 30 -16.72 4.66 33.94
C PHE H 30 -15.43 4.75 34.77
CL CL I . -3.83 -11.36 0.32
S SO4 J . 22.39 -4.61 -17.67
O1 SO4 J . 21.36 -5.44 -17.03
O2 SO4 J . 23.66 -4.89 -16.94
O3 SO4 J . 22.05 -3.15 -17.62
O4 SO4 J . 22.51 -5.05 -19.07
C ACY K . 2.33 -5.44 28.41
O ACY K . 3.50 -5.09 28.55
OXT ACY K . 1.58 -4.93 27.49
CH3 ACY K . 1.85 -6.44 29.45
#